data_7TH7
#
_entry.id   7TH7
#
_cell.length_a   38.542
_cell.length_b   67.177
_cell.length_c   69.071
_cell.angle_alpha   90.000
_cell.angle_beta   90.000
_cell.angle_gamma   90.000
#
_symmetry.space_group_name_H-M   'P 2 21 21'
#
loop_
_entity.id
_entity.type
_entity.pdbx_description
1 polymer 'Peptidyl-prolyl cis-trans isomerase F, mitochondrial'
2 non-polymer "3-(4'-{[(4S,7S,11R,19S)-19-{[2-(2-aminoethoxy)ethyl]carbamoyl}-7-benzyl-3,6,12,15,21-pentaoxo-1,3,4,5,6,7,8,9,10,12,13,14,15,16,17,18,19,20,21,22-icosahydro-2H-7,11-methano-2,5,11,16,20-benzopentaazacyclotetracosin-4-yl]methyl}[1,1'-biphenyl]-4-yl)propanoic acid"
3 water water
#
_entity_poly.entity_id   1
_entity_poly.type   'polypeptide(L)'
_entity_poly.pdbx_seq_one_letter_code
;NPLVYLDVDANGKPLGRVVLELKADVVPKTAENFRALCTGEKGFGYKGSTFHRVIPSFMCQAGDFTNHNGTGGKSIYGSR
FPDENFTLKHVGPGVLSMANAGPNTNGSQFFICTIKTDWLDGKHVVFGHVIEGMDVVKKIESFGSKSGRTSKKIVITDCG
QLS
;
_entity_poly.pdbx_strand_id   A
#
loop_
_chem_comp.id
_chem_comp.type
_chem_comp.name
_chem_comp.formula
I5E non-polymer '3-(4'-{[(4S,7S,11R,19S)-19-{[2-(2-aminoethoxy)ethyl]carbamoyl}-7-benzyl-3,6,12,15,21-pentaoxo-1,3,4,5,6,7,8,9,10,12,13,14,15,16,17,18,19,20,21,22-icosahydro-2H-7,11-methano-2,5,11,16,20-benzopentaazacyclotetracosin-4-yl]methyl}[1,1'-biphenyl]-4-yl)propanoic acid' 'C52 H63 N7 O9'
#
# COMPACT_ATOMS: atom_id res chain seq x y z
N ASN A 1 -11.14 4.82 -13.63
CA ASN A 1 -10.37 4.16 -12.58
C ASN A 1 -10.86 4.62 -11.21
N PRO A 2 -11.03 3.68 -10.27
CA PRO A 2 -11.43 4.07 -8.92
C PRO A 2 -10.41 4.97 -8.24
N LEU A 3 -10.92 5.84 -7.38
CA LEU A 3 -10.11 6.63 -6.46
C LEU A 3 -10.45 6.20 -5.04
N VAL A 4 -9.43 5.91 -4.26
CA VAL A 4 -9.58 5.54 -2.87
C VAL A 4 -8.70 6.44 -2.01
N TYR A 5 -8.96 6.42 -0.71
CA TYR A 5 -8.23 7.26 0.22
C TYR A 5 -7.77 6.48 1.43
N LEU A 6 -6.65 6.95 1.99
CA LEU A 6 -6.14 6.53 3.29
C LEU A 6 -5.95 7.78 4.12
N ASP A 7 -6.60 7.86 5.27
CA ASP A 7 -6.34 8.92 6.25
C ASP A 7 -5.40 8.34 7.29
N VAL A 8 -4.26 8.98 7.50
CA VAL A 8 -3.18 8.39 8.27
C VAL A 8 -2.86 9.28 9.47
N ASP A 9 -2.59 8.63 10.60
CA ASP A 9 -2.16 9.32 11.82
C ASP A 9 -0.83 8.77 12.29
N ALA A 10 -0.13 9.58 13.09
CA ALA A 10 1.10 9.16 13.76
C ALA A 10 0.92 9.39 15.26
N ASN A 11 0.98 8.33 16.04
CA ASN A 11 0.73 8.41 17.49
C ASN A 11 -0.55 9.17 17.80
N GLY A 12 -1.59 8.96 17.00
CA GLY A 12 -2.88 9.58 17.22
C GLY A 12 -3.05 10.94 16.60
N LYS A 13 -2.01 11.53 16.02
CA LYS A 13 -2.09 12.86 15.43
C LYS A 13 -2.31 12.74 13.94
N PRO A 14 -3.40 13.27 13.37
CA PRO A 14 -3.62 13.14 11.93
C PRO A 14 -2.50 13.76 11.12
N LEU A 15 -2.09 13.04 10.09
CA LEU A 15 -1.12 13.53 9.11
C LEU A 15 -1.77 14.04 7.85
N GLY A 16 -2.99 13.62 7.56
CA GLY A 16 -3.69 13.99 6.35
C GLY A 16 -4.09 12.78 5.52
N ARG A 17 -4.60 13.08 4.34
CA ARG A 17 -5.21 12.11 3.44
C ARG A 17 -4.33 11.84 2.23
N VAL A 18 -4.15 10.57 1.90
CA VAL A 18 -3.53 10.12 0.66
C VAL A 18 -4.63 9.63 -0.27
N VAL A 19 -4.68 10.18 -1.46
CA VAL A 19 -5.63 9.74 -2.49
C VAL A 19 -4.87 8.93 -3.51
N LEU A 20 -5.36 7.74 -3.82
CA LEU A 20 -4.75 6.81 -4.75
C LEU A 20 -5.68 6.53 -5.92
N GLU A 21 -5.17 6.65 -7.13
CA GLU A 21 -5.85 6.19 -8.32
C GLU A 21 -5.45 4.74 -8.57
N LEU A 22 -6.41 3.86 -8.71
CA LEU A 22 -6.13 2.45 -8.95
C LEU A 22 -6.32 2.16 -10.43
N LYS A 23 -5.32 1.49 -11.01
CA LYS A 23 -5.26 1.29 -12.45
C LYS A 23 -6.05 0.05 -12.85
N ALA A 24 -7.37 0.12 -12.63
CA ALA A 24 -8.25 -0.97 -13.00
C ALA A 24 -8.24 -1.21 -14.51
N ASP A 25 -7.86 -0.20 -15.28
CA ASP A 25 -7.74 -0.30 -16.72
C ASP A 25 -6.60 -1.23 -17.17
N VAL A 26 -5.65 -1.55 -16.28
CA VAL A 26 -4.51 -2.39 -16.60
C VAL A 26 -4.46 -3.63 -15.72
N VAL A 27 -4.80 -3.50 -14.44
CA VAL A 27 -4.74 -4.59 -13.46
C VAL A 27 -6.06 -4.63 -12.69
N PRO A 28 -7.15 -5.02 -13.34
CA PRO A 28 -8.47 -4.94 -12.68
C PRO A 28 -8.60 -5.81 -11.45
N LYS A 29 -8.02 -7.01 -11.45
CA LYS A 29 -8.18 -7.89 -10.30
C LYS A 29 -7.41 -7.39 -9.09
N THR A 30 -6.22 -6.84 -9.33
CA THR A 30 -5.40 -6.29 -8.26
C THR A 30 -6.00 -5.00 -7.74
N ALA A 31 -6.49 -4.14 -8.63
CA ALA A 31 -7.14 -2.91 -8.21
C ALA A 31 -8.38 -3.22 -7.38
N GLU A 32 -9.18 -4.21 -7.79
CA GLU A 32 -10.43 -4.51 -7.08
C GLU A 32 -10.16 -5.04 -5.67
N ASN A 33 -9.14 -5.87 -5.50
CA ASN A 33 -8.75 -6.33 -4.17
C ASN A 33 -8.46 -5.14 -3.27
N PHE A 34 -7.63 -4.22 -3.71
CA PHE A 34 -7.27 -3.08 -2.88
C PHE A 34 -8.48 -2.21 -2.59
N ARG A 35 -9.30 -1.96 -3.61
CA ARG A 35 -10.49 -1.13 -3.44
C ARG A 35 -11.39 -1.69 -2.35
N ALA A 36 -11.69 -2.98 -2.42
CA ALA A 36 -12.58 -3.58 -1.45
C ALA A 36 -11.99 -3.61 -0.06
N LEU A 37 -10.67 -3.75 0.06
CA LEU A 37 -10.03 -3.70 1.38
C LEU A 37 -10.03 -2.29 1.94
N CYS A 38 -10.05 -1.26 1.08
CA CYS A 38 -10.21 0.10 1.56
C CYS A 38 -11.62 0.38 2.04
N THR A 39 -12.64 -0.09 1.32
CA THR A 39 -14.00 0.19 1.77
C THR A 39 -14.38 -0.64 2.98
N GLY A 40 -13.75 -1.80 3.18
CA GLY A 40 -14.17 -2.68 4.24
C GLY A 40 -15.45 -3.44 3.95
N GLU A 41 -15.91 -3.45 2.70
CA GLU A 41 -17.22 -4.00 2.38
C GLU A 41 -17.32 -5.51 2.60
N LYS A 42 -16.22 -6.23 2.69
CA LYS A 42 -16.28 -7.66 3.02
C LYS A 42 -16.17 -7.93 4.51
N GLY A 43 -16.19 -6.89 5.34
CA GLY A 43 -16.17 -7.06 6.77
C GLY A 43 -14.80 -7.00 7.37
N PHE A 44 -13.76 -6.88 6.55
CA PHE A 44 -12.39 -6.77 7.01
C PHE A 44 -11.67 -5.89 6.01
N GLY A 45 -10.50 -5.38 6.39
CA GLY A 45 -9.75 -4.51 5.50
C GLY A 45 -8.75 -3.68 6.27
N TYR A 46 -8.33 -2.58 5.63
CA TYR A 46 -7.20 -1.81 6.14
C TYR A 46 -7.51 -0.92 7.32
N LYS A 47 -8.76 -0.50 7.51
CA LYS A 47 -9.04 0.48 8.56
C LYS A 47 -8.54 0.00 9.92
N GLY A 48 -7.77 0.86 10.58
CA GLY A 48 -7.23 0.58 11.90
C GLY A 48 -5.88 -0.09 11.92
N SER A 49 -5.36 -0.52 10.78
CA SER A 49 -4.07 -1.20 10.69
C SER A 49 -2.97 -0.18 10.40
N THR A 50 -1.75 -0.66 10.26
CA THR A 50 -0.56 0.20 10.35
C THR A 50 0.30 0.15 9.09
N PHE A 51 1.16 1.17 8.96
CA PHE A 51 2.34 1.07 8.12
C PHE A 51 3.42 0.44 8.99
N HIS A 52 3.75 -0.83 8.73
CA HIS A 52 4.60 -1.59 9.64
C HIS A 52 6.06 -1.59 9.23
N ARG A 53 6.40 -1.21 8.01
CA ARG A 53 7.79 -1.19 7.57
CA ARG A 53 7.80 -1.19 7.58
C ARG A 53 7.98 0.02 6.68
N VAL A 54 8.82 0.95 7.11
CA VAL A 54 8.98 2.23 6.43
C VAL A 54 10.46 2.52 6.37
N ILE A 55 11.01 2.59 5.16
CA ILE A 55 12.44 2.73 4.95
C ILE A 55 12.66 3.98 4.11
N PRO A 56 13.35 5.00 4.63
CA PRO A 56 13.57 6.21 3.85
C PRO A 56 14.32 5.93 2.55
N SER A 57 13.99 6.69 1.52
CA SER A 57 14.57 6.51 0.20
C SER A 57 14.33 5.09 -0.32
N PHE A 58 13.14 4.55 -0.02
CA PHE A 58 12.73 3.26 -0.52
C PHE A 58 11.22 3.24 -0.64
N MET A 59 10.50 2.94 0.45
CA MET A 59 9.05 2.80 0.36
C MET A 59 8.46 2.73 1.77
N CYS A 60 7.13 2.86 1.79
CA CYS A 60 6.31 2.74 3.00
C CYS A 60 5.35 1.57 2.78
N GLN A 61 5.40 0.57 3.67
CA GLN A 61 4.67 -0.69 3.50
C GLN A 61 3.58 -0.85 4.55
N ALA A 62 2.41 -1.34 4.13
CA ALA A 62 1.26 -1.48 4.99
C ALA A 62 0.45 -2.70 4.54
N GLY A 63 -0.72 -2.86 5.12
CA GLY A 63 -1.68 -3.84 4.69
C GLY A 63 -1.65 -5.16 5.42
N ASP A 64 -0.79 -5.33 6.42
CA ASP A 64 -0.80 -6.56 7.23
C ASP A 64 -1.72 -6.36 8.41
N PHE A 65 -3.02 -6.48 8.15
CA PHE A 65 -4.02 -6.25 9.17
C PHE A 65 -4.31 -7.47 10.02
N THR A 66 -3.63 -8.59 9.78
CA THR A 66 -3.77 -9.75 10.66
C THR A 66 -2.64 -9.88 11.66
N ASN A 67 -1.38 -9.66 11.25
CA ASN A 67 -0.24 -9.86 12.13
C ASN A 67 0.55 -8.59 12.37
N HIS A 68 0.32 -7.53 11.60
CA HIS A 68 0.89 -6.21 11.88
C HIS A 68 2.41 -6.19 11.81
N ASN A 69 3.01 -7.11 11.06
CA ASN A 69 4.47 -7.23 11.10
C ASN A 69 5.06 -7.64 9.76
N GLY A 70 4.31 -7.73 8.69
CA GLY A 70 4.84 -8.11 7.41
C GLY A 70 4.73 -9.58 7.07
N THR A 71 4.07 -10.38 7.91
CA THR A 71 3.87 -11.80 7.65
C THR A 71 2.46 -12.16 7.23
N GLY A 72 1.50 -11.27 7.40
CA GLY A 72 0.09 -11.62 7.24
C GLY A 72 -0.69 -10.85 6.20
N GLY A 73 -1.98 -10.78 6.41
CA GLY A 73 -2.92 -10.17 5.49
C GLY A 73 -3.87 -11.19 4.89
N LYS A 74 -4.82 -10.67 4.12
CA LYS A 74 -5.85 -11.49 3.50
C LYS A 74 -6.36 -10.78 2.27
N SER A 75 -6.41 -11.49 1.14
CA SER A 75 -7.01 -10.96 -0.06
C SER A 75 -8.51 -11.18 -0.04
N ILE A 76 -9.20 -10.61 -1.04
CA ILE A 76 -10.63 -10.85 -1.22
C ILE A 76 -10.94 -12.12 -1.99
N TYR A 77 -9.91 -12.86 -2.41
CA TYR A 77 -10.07 -14.00 -3.31
C TYR A 77 -9.97 -15.34 -2.62
N GLY A 78 -9.84 -15.37 -1.30
CA GLY A 78 -9.81 -16.61 -0.54
C GLY A 78 -8.44 -17.22 -0.36
N SER A 79 -7.44 -16.76 -1.09
CA SER A 79 -6.11 -17.32 -1.03
C SER A 79 -5.15 -16.30 -1.63
N ARG A 80 -3.87 -16.55 -1.47
CA ARG A 80 -2.85 -15.77 -2.17
CA ARG A 80 -2.90 -15.72 -2.16
C ARG A 80 -3.17 -15.81 -3.66
N PHE A 81 -3.03 -14.69 -4.34
CA PHE A 81 -3.47 -14.63 -5.72
C PHE A 81 -2.34 -14.32 -6.69
N PRO A 82 -2.47 -14.72 -7.95
CA PRO A 82 -1.34 -14.63 -8.88
C PRO A 82 -1.00 -13.19 -9.22
N ASP A 83 0.25 -13.01 -9.64
CA ASP A 83 0.66 -11.75 -10.23
C ASP A 83 -0.12 -11.54 -11.53
N GLU A 84 -0.94 -10.49 -11.57
CA GLU A 84 -1.85 -10.30 -12.69
C GLU A 84 -1.09 -9.97 -13.97
N ASN A 85 -0.18 -9.02 -13.90
CA ASN A 85 0.80 -8.73 -14.94
C ASN A 85 1.86 -7.84 -14.29
N PHE A 86 2.96 -7.62 -15.01
CA PHE A 86 4.00 -6.70 -14.60
C PHE A 86 4.09 -5.50 -15.54
N THR A 87 2.94 -5.08 -16.06
CA THR A 87 2.92 -4.04 -17.08
C THR A 87 3.43 -2.71 -16.54
N LEU A 88 2.90 -2.26 -15.43
CA LEU A 88 3.25 -0.97 -14.88
C LEU A 88 4.56 -1.06 -14.13
N LYS A 89 5.40 -0.06 -14.24
CA LYS A 89 6.72 -0.08 -13.66
CA LYS A 89 6.72 -0.09 -13.64
C LYS A 89 6.81 0.83 -12.43
N HIS A 90 7.83 0.57 -11.63
CA HIS A 90 8.09 1.34 -10.41
C HIS A 90 8.89 2.58 -10.84
N VAL A 91 8.16 3.56 -11.38
CA VAL A 91 8.81 4.66 -12.10
C VAL A 91 9.34 5.77 -11.20
N GLY A 92 8.88 5.84 -9.96
CA GLY A 92 9.23 6.95 -9.10
C GLY A 92 8.39 7.02 -7.86
N PRO A 93 8.55 8.10 -7.10
CA PRO A 93 7.76 8.29 -5.88
C PRO A 93 6.28 8.29 -6.20
N GLY A 94 5.50 7.72 -5.30
CA GLY A 94 4.05 7.72 -5.43
C GLY A 94 3.47 6.47 -6.06
N VAL A 95 4.31 5.59 -6.59
CA VAL A 95 3.81 4.35 -7.15
C VAL A 95 3.26 3.45 -6.05
N LEU A 96 2.11 2.85 -6.31
CA LEU A 96 1.44 1.92 -5.41
C LEU A 96 1.57 0.51 -5.98
N SER A 97 2.10 -0.41 -5.18
CA SER A 97 2.49 -1.72 -5.65
C SER A 97 2.22 -2.77 -4.58
N MET A 98 2.11 -4.02 -5.01
CA MET A 98 1.79 -5.11 -4.09
C MET A 98 3.05 -5.66 -3.44
N ALA A 99 3.05 -5.73 -2.12
CA ALA A 99 4.08 -6.50 -1.44
C ALA A 99 3.84 -7.99 -1.69
N ASN A 100 4.89 -8.80 -1.57
CA ASN A 100 4.72 -10.24 -1.74
C ASN A 100 5.88 -10.95 -1.06
N ALA A 101 5.81 -12.28 -1.09
CA ALA A 101 6.86 -13.18 -0.60
C ALA A 101 7.32 -14.09 -1.73
N GLY A 102 7.47 -13.53 -2.92
CA GLY A 102 7.81 -14.31 -4.09
C GLY A 102 6.68 -14.33 -5.10
N PRO A 103 6.86 -15.08 -6.19
CA PRO A 103 5.86 -15.06 -7.27
C PRO A 103 4.52 -15.56 -6.81
N ASN A 104 3.48 -14.89 -7.29
CA ASN A 104 2.11 -15.34 -7.06
C ASN A 104 1.76 -15.48 -5.59
N THR A 105 2.19 -14.52 -4.78
CA THR A 105 1.89 -14.51 -3.35
C THR A 105 1.29 -13.17 -2.94
N ASN A 106 0.35 -12.64 -3.72
CA ASN A 106 -0.32 -11.41 -3.36
C ASN A 106 -1.44 -11.66 -2.35
N GLY A 107 -1.53 -10.77 -1.37
CA GLY A 107 -2.56 -10.83 -0.34
C GLY A 107 -3.21 -9.48 -0.19
N SER A 108 -2.91 -8.82 0.93
CA SER A 108 -3.37 -7.46 1.19
C SER A 108 -2.22 -6.48 1.39
N GLN A 109 -1.01 -6.95 1.67
CA GLN A 109 0.08 -6.01 1.89
C GLN A 109 0.46 -5.29 0.62
N PHE A 110 0.81 -4.01 0.79
CA PHE A 110 1.09 -3.12 -0.32
C PHE A 110 2.15 -2.12 0.11
N PHE A 111 2.68 -1.37 -0.84
CA PHE A 111 3.65 -0.33 -0.53
C PHE A 111 3.47 0.85 -1.45
N ILE A 112 3.90 1.99 -0.95
CA ILE A 112 3.98 3.22 -1.73
C ILE A 112 5.45 3.61 -1.82
N CYS A 113 5.96 3.70 -3.04
CA CYS A 113 7.36 4.02 -3.25
C CYS A 113 7.63 5.48 -2.93
N THR A 114 8.84 5.74 -2.44
CA THR A 114 9.29 7.11 -2.25
C THR A 114 10.49 7.44 -3.13
N ILE A 115 10.85 6.53 -4.04
CA ILE A 115 11.91 6.66 -5.02
CA ILE A 115 11.88 6.70 -5.05
C ILE A 115 11.53 5.75 -6.18
N LYS A 116 12.23 5.85 -7.29
CA LYS A 116 12.14 4.85 -8.36
C LYS A 116 12.75 3.54 -7.85
N THR A 117 11.94 2.51 -7.71
CA THR A 117 12.43 1.20 -7.23
C THR A 117 12.46 0.23 -8.41
N ASP A 118 13.29 0.53 -9.41
CA ASP A 118 13.26 -0.20 -10.67
C ASP A 118 13.67 -1.65 -10.51
N TRP A 119 14.45 -1.98 -9.50
CA TRP A 119 14.85 -3.36 -9.25
C TRP A 119 13.68 -4.24 -8.82
N LEU A 120 12.51 -3.66 -8.55
CA LEU A 120 11.30 -4.42 -8.27
C LEU A 120 10.45 -4.66 -9.51
N ASP A 121 10.80 -4.07 -10.64
CA ASP A 121 10.05 -4.29 -11.87
C ASP A 121 10.11 -5.77 -12.24
N GLY A 122 8.94 -6.33 -12.56
CA GLY A 122 8.87 -7.73 -12.89
C GLY A 122 8.77 -8.65 -11.70
N LYS A 123 8.80 -8.10 -10.48
CA LYS A 123 8.74 -8.86 -9.25
C LYS A 123 7.55 -8.49 -8.39
N HIS A 124 7.13 -7.23 -8.40
CA HIS A 124 5.96 -6.76 -7.67
C HIS A 124 4.99 -6.12 -8.64
N VAL A 125 3.70 -6.38 -8.45
CA VAL A 125 2.67 -5.85 -9.34
C VAL A 125 2.30 -4.43 -8.94
N VAL A 126 2.60 -3.47 -9.82
CA VAL A 126 2.20 -2.08 -9.66
C VAL A 126 0.75 -1.94 -10.08
N PHE A 127 -0.04 -1.23 -9.29
CA PHE A 127 -1.46 -1.13 -9.58
C PHE A 127 -2.07 0.24 -9.31
N GLY A 128 -1.28 1.27 -9.02
CA GLY A 128 -1.88 2.57 -8.84
C GLY A 128 -0.82 3.61 -8.55
N HIS A 129 -1.29 4.80 -8.18
CA HIS A 129 -0.38 5.89 -7.87
C HIS A 129 -1.06 6.94 -7.02
N VAL A 130 -0.26 7.66 -6.26
CA VAL A 130 -0.74 8.77 -5.44
C VAL A 130 -1.08 9.95 -6.34
N ILE A 131 -2.25 10.54 -6.14
CA ILE A 131 -2.65 11.75 -6.85
C ILE A 131 -2.83 12.94 -5.93
N GLU A 132 -2.86 12.73 -4.63
CA GLU A 132 -2.98 13.80 -3.64
C GLU A 132 -2.39 13.24 -2.37
N GLY A 133 -1.67 14.07 -1.62
CA GLY A 133 -1.13 13.65 -0.35
C GLY A 133 0.23 13.01 -0.40
N MET A 134 1.01 13.26 -1.46
CA MET A 134 2.39 12.79 -1.42
C MET A 134 3.13 13.38 -0.23
N ASP A 135 2.75 14.57 0.23
CA ASP A 135 3.40 15.11 1.42
C ASP A 135 3.09 14.28 2.67
N VAL A 136 1.91 13.67 2.72
CA VAL A 136 1.62 12.77 3.82
C VAL A 136 2.51 11.54 3.76
N VAL A 137 2.70 11.00 2.56
CA VAL A 137 3.63 9.89 2.37
C VAL A 137 5.03 10.27 2.82
N LYS A 138 5.49 11.49 2.48
CA LYS A 138 6.80 11.92 2.93
C LYS A 138 6.87 12.04 4.46
N LYS A 139 5.78 12.45 5.09
CA LYS A 139 5.74 12.49 6.55
CA LYS A 139 5.76 12.50 6.55
C LYS A 139 5.86 11.09 7.12
N ILE A 140 5.10 10.14 6.57
CA ILE A 140 5.24 8.74 7.00
C ILE A 140 6.69 8.29 6.88
N GLU A 141 7.28 8.55 5.71
CA GLU A 141 8.66 8.15 5.45
C GLU A 141 9.61 8.71 6.49
N SER A 142 9.36 9.94 6.95
CA SER A 142 10.23 10.57 7.93
C SER A 142 10.23 9.85 9.28
N PHE A 143 9.25 8.99 9.55
CA PHE A 143 9.20 8.20 10.78
C PHE A 143 9.77 6.81 10.58
N GLY A 144 10.37 6.54 9.42
CA GLY A 144 10.99 5.26 9.16
C GLY A 144 12.43 5.19 9.62
N SER A 145 13.11 4.12 9.24
CA SER A 145 14.47 3.87 9.68
C SER A 145 15.13 2.87 8.75
N LYS A 146 16.42 2.67 8.95
CA LYS A 146 17.15 1.70 8.16
C LYS A 146 16.55 0.31 8.26
N SER A 147 16.13 -0.10 9.46
CA SER A 147 15.56 -1.42 9.65
C SER A 147 14.13 -1.51 9.17
N GLY A 148 13.48 -0.36 8.98
CA GLY A 148 12.08 -0.29 8.64
C GLY A 148 11.17 -0.14 9.84
N ARG A 149 11.68 -0.28 11.06
CA ARG A 149 10.85 -0.02 12.22
C ARG A 149 10.53 1.47 12.30
N THR A 150 9.29 1.78 12.64
CA THR A 150 8.85 3.17 12.66
C THR A 150 9.08 3.74 14.06
N SER A 151 9.30 5.04 14.12
CA SER A 151 9.55 5.79 15.34
C SER A 151 8.28 6.31 15.99
N LYS A 152 7.16 6.21 15.30
CA LYS A 152 5.83 6.49 15.81
C LYS A 152 4.94 5.42 15.21
N LYS A 153 3.80 5.16 15.84
CA LYS A 153 2.84 4.19 15.30
C LYS A 153 2.02 4.88 14.23
N ILE A 154 2.12 4.38 13.01
CA ILE A 154 1.50 5.00 11.84
C ILE A 154 0.28 4.16 11.50
N VAL A 155 -0.90 4.75 11.64
CA VAL A 155 -2.17 4.03 11.52
C VAL A 155 -3.01 4.61 10.40
N ILE A 156 -3.64 3.73 9.63
CA ILE A 156 -4.69 4.09 8.70
C ILE A 156 -5.96 4.24 9.51
N THR A 157 -6.26 5.45 9.93
CA THR A 157 -7.39 5.66 10.83
C THR A 157 -8.72 5.51 10.11
N ASP A 158 -8.76 5.83 8.82
CA ASP A 158 -9.93 5.67 8.00
C ASP A 158 -9.45 5.45 6.58
N CYS A 159 -10.28 4.81 5.80
CA CYS A 159 -9.99 4.54 4.40
C CYS A 159 -11.31 4.20 3.72
N GLY A 160 -11.33 4.31 2.40
CA GLY A 160 -12.55 4.06 1.68
C GLY A 160 -12.41 4.46 0.23
N GLN A 161 -13.53 4.49 -0.46
CA GLN A 161 -13.58 4.83 -1.87
C GLN A 161 -14.17 6.22 -2.05
N LEU A 162 -13.54 7.00 -2.90
CA LEU A 162 -14.05 8.33 -3.22
C LEU A 162 -14.93 8.30 -4.45
N SER A 163 -14.49 7.62 -5.51
CA SER A 163 -15.30 7.49 -6.72
C SER A 163 -14.88 6.23 -7.47
C10 I5E B . 11.15 -8.28 5.31
C20 I5E B . 6.39 -14.93 6.68
C21 I5E B . 5.61 -14.97 5.54
O01 I5E B . 14.92 -4.21 -2.07
C04 I5E B . 15.83 -6.57 0.11
C05 I5E B . 15.33 -7.93 0.69
N06 I5E B . 14.63 -7.68 1.96
C08 I5E B . 12.65 -7.77 3.42
C09 I5E B . 11.87 -8.63 4.00
N11 I5E B . 10.46 -9.32 6.00
C12 I5E B . 10.57 -10.77 5.67
C14 I5E B . 8.32 -11.04 6.69
C16 I5E B . 9.71 -9.04 7.22
C18 I5E B . 8.05 -13.72 5.47
C23 I5E B . 7.28 -13.79 4.33
C27 I5E B . 5.67 -9.22 2.73
C29 I5E B . 4.41 -11.37 3.40
C02 I5E B . 15.04 -4.34 -0.84
C03 I5E B . 14.66 -5.53 0.00
C07 I5E B . 13.25 -8.06 2.09
C13 I5E B . 9.17 -11.42 5.56
C15 I5E B . 8.30 -9.60 7.09
C17 I5E B . 9.42 -12.97 5.45
C19 I5E B . 7.61 -14.29 6.64
C22 I5E B . 6.06 -14.43 4.36
C24 I5E B . 8.70 -10.94 4.16
C26 I5E B . 7.05 -9.76 2.78
C28 I5E B . 4.52 -10.23 2.59
C30 I5E B . 3.28 -12.20 3.27
C31 I5E B . 2.32 -11.92 2.34
C32 I5E B . 1.02 -12.74 2.23
C33 I5E B . 0.46 -13.21 3.41
C34 I5E B . -0.76 -13.88 3.40
C35 I5E B . -1.42 -14.07 2.21
C36 I5E B . -2.77 -14.86 2.25
C37 I5E B . -3.83 -14.21 1.34
C38 I5E B . -5.21 -14.89 1.51
C41 I5E B . -0.88 -13.56 1.06
C42 I5E B . 0.34 -12.89 1.07
C43 I5E B . 2.46 -10.79 1.53
C44 I5E B . 3.54 -9.95 1.66
C45 I5E B . 7.96 -8.55 2.58
C51 I5E B . 12.28 -5.77 -0.26
C52 I5E B . 11.25 -6.39 -1.19
C53 I5E B . 9.84 -5.81 -0.87
C54 I5E B . 9.05 -6.36 0.13
C55 I5E B . 9.55 -7.50 0.97
C57 I5E B . 7.81 -5.81 0.37
C58 I5E B . 7.39 -4.71 -0.38
C59 I5E B . 8.19 -4.17 -1.36
C60 I5E B . 9.42 -4.73 -1.61
C63 I5E B . 15.97 -1.99 -0.76
C64 I5E B . 17.38 -2.22 -1.32
C66 I5E B . 18.47 -3.05 -3.19
C67 I5E B . 18.36 -4.06 -4.24
N25 I5E B . 7.43 -10.30 4.07
N50 I5E B . 13.58 -6.06 -0.70
N56 I5E B . 8.58 -8.52 1.30
N62 I5E B . 15.57 -3.26 -0.03
N68 I5E B . 17.60 -5.22 -3.76
O39 I5E B . -5.26 -16.06 2.03
O40 I5E B . -6.19 -14.27 1.10
O46 I5E B . 8.14 -7.69 3.40
O47 I5E B . 9.35 -11.10 3.17
O48 I5E B . 11.01 -7.13 5.68
O49 I5E B . 12.65 -8.62 1.25
O61 I5E B . 12.05 -5.13 0.71
O65 I5E B . 17.24 -2.86 -2.58
H201 I5E B . 6.10 -15.35 7.46
H211 I5E B . 4.77 -15.37 5.56
H041 I5E B . 16.49 -6.23 0.69
H042 I5E B . 16.20 -6.72 -0.73
H052 I5E B . 16.06 -8.50 0.82
H051 I5E B . 14.74 -8.33 0.08
H061 I5E B . 15.05 -7.32 2.62
H081 I5E B . 12.15 -7.05 3.09
H091 I5E B . 12.38 -9.31 4.40
H121 I5E B . 11.04 -11.20 6.35
H122 I5E B . 11.02 -10.88 4.86
H141 I5E B . 7.45 -11.29 6.48
H142 I5E B . 8.62 -11.53 7.43
H162 I5E B . 9.67 -8.10 7.35
H161 I5E B . 10.14 -9.42 7.95
H231 I5E B . 7.58 -13.40 3.55
H271 I5E B . 5.62 -8.63 2.00
H272 I5E B . 5.52 -8.73 3.53
H291 I5E B . 5.07 -11.57 4.02
H031 I5E B . 14.48 -5.31 0.89
H151 I5E B . 7.83 -9.11 6.44
H152 I5E B . 7.87 -9.51 7.92
H172 I5E B . 9.95 -13.26 6.17
H171 I5E B . 9.86 -13.16 4.64
H191 I5E B . 8.13 -14.25 7.40
H221 I5E B . 5.54 -14.49 3.59
H261 I5E B . 7.12 -10.44 2.15
H301 I5E B . 3.19 -12.94 3.81
H331 I5E B . 0.90 -13.06 4.22
H341 I5E B . -1.11 -14.21 4.18
H361 I5E B . -3.09 -14.90 3.13
H362 I5E B . -2.61 -15.74 1.95
H372 I5E B . -3.55 -14.26 0.45
H371 I5E B . -3.91 -13.29 1.58
H411 I5E B . -1.35 -13.66 0.25
H421 I5E B . 0.69 -12.54 0.28
H431 I5E B . 1.80 -10.60 0.90
H441 I5E B . 3.61 -9.20 1.13
H522 I5E B . 11.24 -7.32 -1.07
H521 I5E B . 11.47 -6.20 -2.08
H552 I5E B . 9.87 -7.14 1.78
H551 I5E B . 10.25 -7.92 0.51
H571 I5E B . 7.26 -6.17 1.03
H581 I5E B . 6.55 -4.34 -0.20
H591 I5E B . 7.90 -3.43 -1.84
H601 I5E B . 9.97 -4.38 -2.28
H631 I5E B . 15.37 -1.80 -1.45
H632 I5E B . 15.98 -1.26 -0.16
H642 I5E B . 17.81 -1.40 -1.43
H641 I5E B . 17.86 -2.77 -0.73
H661 I5E B . 18.75 -2.23 -3.57
H662 I5E B . 19.10 -3.34 -2.56
H671 I5E B . 19.21 -4.32 -4.50
H672 I5E B . 17.91 -3.68 -4.97
H251 I5E B . 6.91 -10.23 4.76
H501 I5E B . 13.71 -6.57 -1.39
H561 I5E B . 8.37 -9.12 0.71
H621 I5E B . 15.65 -3.34 0.83
H681 I5E B . 17.88 -5.46 -2.97
H682 I5E B . 16.75 -5.03 -3.71
#